data_8SBX
#
_entry.id   8SBX
#
_cell.length_a   125.845
_cell.length_b   125.845
_cell.length_c   105.450
_cell.angle_alpha   90.00
_cell.angle_beta   90.00
_cell.angle_gamma   120.00
#
_symmetry.space_group_name_H-M   'P 64 2 2'
#
loop_
_entity.id
_entity.type
_entity.pdbx_description
1 polymer 2,3-dihydroxybenzoate-2,3-dehydrogenase
2 non-polymer 'CHLORIDE ION'
3 non-polymer 'SULFATE ION'
4 water water
#
_entity_poly.entity_id   1
_entity_poly.type   'polypeptide(L)'
_entity_poly.pdbx_seq_one_letter_code
;MAHHHHHHMNGLDFHGQTVWVTGAGKGIGYATALAFVEAGANVTGFDLAFDGEGYPFATEMLDVADADQVRDVCARLLND
IERLDVLVNAAGILRMGATDQLSAEDWQQTFAVNVGGAFNLFQQTMAQFRRQRGGAIVTVASDAAHTPRIGMSAYGASKA
ALKSLALTVGLELAGSGVRCNLVSPGSTDTDMQRTLWVNEDAEQQRIRGFGEQFKLGIPLGKIARPQEIANTILFLASSH
ASHITLQDIVVDGGSTLGA
;
_entity_poly.pdbx_strand_id   A,B
#
loop_
_chem_comp.id
_chem_comp.type
_chem_comp.name
_chem_comp.formula
CL non-polymer 'CHLORIDE ION' 'Cl -1'
SO4 non-polymer 'SULFATE ION' 'O4 S -2'
#
# COMPACT_ATOMS: atom_id res chain seq x y z
N LEU A 12 22.24 19.57 -14.34
CA LEU A 12 22.02 18.13 -14.41
C LEU A 12 21.95 17.59 -15.84
N ASP A 13 23.02 16.94 -16.27
CA ASP A 13 23.17 16.55 -17.66
C ASP A 13 22.66 15.13 -17.88
N PHE A 14 21.86 14.95 -18.94
CA PHE A 14 21.30 13.67 -19.36
C PHE A 14 21.50 13.44 -20.87
N HIS A 15 22.49 14.09 -21.47
CA HIS A 15 22.59 14.04 -22.92
C HIS A 15 22.73 12.60 -23.35
N GLY A 16 21.99 12.22 -24.39
CA GLY A 16 22.12 10.91 -25.01
C GLY A 16 21.45 9.76 -24.29
N GLN A 17 20.82 10.02 -23.15
CA GLN A 17 20.20 8.94 -22.38
C GLN A 17 18.76 8.70 -22.83
N THR A 18 18.37 7.42 -22.82
CA THR A 18 16.99 7.02 -23.15
C THR A 18 16.19 7.09 -21.85
N VAL A 19 15.13 7.91 -21.85
CA VAL A 19 14.31 8.14 -20.67
C VAL A 19 12.85 7.93 -21.05
N TRP A 20 12.13 7.13 -20.25
CA TRP A 20 10.70 6.90 -20.39
C TRP A 20 9.97 7.50 -19.21
N VAL A 21 8.78 8.05 -19.47
CA VAL A 21 7.97 8.73 -18.48
C VAL A 21 6.50 8.41 -18.74
N THR A 22 5.82 7.78 -17.77
CA THR A 22 4.40 7.48 -17.86
C THR A 22 3.55 8.60 -17.27
N GLY A 23 2.31 8.70 -17.72
CA GLY A 23 1.49 9.85 -17.34
C GLY A 23 2.04 11.14 -17.91
N ALA A 24 2.79 11.06 -19.00
CA ALA A 24 3.49 12.21 -19.54
C ALA A 24 2.59 13.18 -20.28
N GLY A 25 1.28 12.97 -20.27
CA GLY A 25 0.40 13.87 -21.01
C GLY A 25 0.06 15.16 -20.27
N LYS A 26 0.22 15.17 -18.96
CA LYS A 26 -0.27 16.31 -18.18
C LYS A 26 0.52 16.42 -16.89
N GLY A 27 0.35 17.56 -16.22
CA GLY A 27 0.79 17.70 -14.85
C GLY A 27 2.21 17.27 -14.61
N ILE A 28 2.41 16.54 -13.50
CA ILE A 28 3.75 16.18 -13.06
C ILE A 28 4.49 15.40 -14.13
N GLY A 29 3.81 14.44 -14.76
CA GLY A 29 4.45 13.62 -15.78
C GLY A 29 4.91 14.45 -16.97
N TYR A 30 4.08 15.37 -17.43
CA TYR A 30 4.50 16.20 -18.53
C TYR A 30 5.67 17.08 -18.12
N ALA A 31 5.54 17.73 -16.96
CA ALA A 31 6.63 18.59 -16.49
C ALA A 31 7.93 17.81 -16.41
N THR A 32 7.85 16.52 -16.09
CA THR A 32 9.03 15.71 -15.88
C THR A 32 9.65 15.33 -17.21
N ALA A 33 8.80 14.87 -18.14
CA ALA A 33 9.26 14.54 -19.48
C ALA A 33 9.90 15.78 -20.11
N LEU A 34 9.27 16.93 -19.97
CA LEU A 34 9.87 18.17 -20.52
C LEU A 34 11.21 18.48 -19.85
N ALA A 35 11.28 18.35 -18.53
CA ALA A 35 12.56 18.60 -17.90
C ALA A 35 13.65 17.68 -18.45
N PHE A 36 13.35 16.38 -18.65
CA PHE A 36 14.38 15.50 -19.19
C PHE A 36 14.83 15.99 -20.58
N VAL A 37 13.89 16.44 -21.43
CA VAL A 37 14.29 17.01 -22.73
C VAL A 37 15.21 18.21 -22.53
N GLU A 38 14.84 19.14 -21.63
CA GLU A 38 15.67 20.31 -21.39
C GLU A 38 17.03 19.93 -20.82
N ALA A 39 17.17 18.73 -20.28
CA ALA A 39 18.45 18.24 -19.78
C ALA A 39 19.23 17.43 -20.81
N GLY A 40 18.72 17.31 -22.03
CA GLY A 40 19.45 16.67 -23.12
C GLY A 40 19.04 15.25 -23.45
N ALA A 41 17.97 14.74 -22.85
CA ALA A 41 17.69 13.33 -22.96
C ALA A 41 16.85 13.02 -24.19
N ASN A 42 16.88 11.74 -24.56
CA ASN A 42 15.99 11.17 -25.58
C ASN A 42 14.79 10.59 -24.85
N VAL A 43 13.68 11.30 -24.92
CA VAL A 43 12.55 11.11 -24.02
C VAL A 43 11.41 10.49 -24.81
N THR A 44 10.74 9.53 -24.18
CA THR A 44 9.47 8.99 -24.65
C THR A 44 8.46 9.08 -23.51
N GLY A 45 7.35 9.77 -23.78
CA GLY A 45 6.25 9.89 -22.82
C GLY A 45 5.15 8.93 -23.15
N PHE A 46 4.59 8.29 -22.13
CA PHE A 46 3.50 7.35 -22.31
C PHE A 46 2.30 7.86 -21.53
N ASP A 47 1.12 7.75 -22.12
CA ASP A 47 -0.08 8.16 -21.41
C ASP A 47 -1.31 7.68 -22.19
N LEU A 48 -2.46 7.86 -21.57
CA LEU A 48 -3.72 7.36 -22.09
C LEU A 48 -4.14 8.14 -23.31
N ALA A 49 -3.91 9.44 -23.29
CA ALA A 49 -4.23 10.30 -24.42
C ALA A 49 -3.17 11.39 -24.47
N PHE A 50 -2.98 11.93 -25.67
CA PHE A 50 -2.11 13.08 -25.90
C PHE A 50 -2.98 14.01 -26.73
N ASP A 51 -3.72 14.88 -26.04
CA ASP A 51 -4.72 15.71 -26.69
C ASP A 51 -4.19 17.06 -27.14
N GLY A 52 -2.99 17.46 -26.69
CA GLY A 52 -2.35 18.63 -27.27
C GLY A 52 -1.90 18.39 -28.71
N GLU A 53 -1.74 19.51 -29.44
CA GLU A 53 -1.35 19.41 -30.85
C GLU A 53 0.12 19.11 -31.03
N GLY A 54 0.94 19.29 -30.01
CA GLY A 54 2.36 19.00 -30.15
C GLY A 54 2.97 18.71 -28.80
N TYR A 55 4.07 17.96 -28.81
CA TYR A 55 4.78 17.55 -27.61
C TYR A 55 6.28 17.63 -27.90
N PRO A 56 7.08 18.11 -26.97
CA PRO A 56 8.52 18.22 -27.21
C PRO A 56 9.28 16.92 -26.95
N PHE A 57 8.56 15.80 -26.90
CA PHE A 57 9.16 14.47 -26.76
C PHE A 57 8.36 13.54 -27.65
N ALA A 58 8.91 12.37 -27.94
CA ALA A 58 8.12 11.34 -28.59
C ALA A 58 7.06 10.79 -27.63
N THR A 59 5.95 10.35 -28.19
CA THR A 59 4.77 9.99 -27.41
C THR A 59 4.25 8.65 -27.90
N GLU A 60 3.81 7.84 -26.92
CA GLU A 60 3.26 6.50 -27.15
C GLU A 60 1.95 6.42 -26.40
N MET A 61 0.85 6.20 -27.14
CA MET A 61 -0.44 6.01 -26.51
C MET A 61 -0.43 4.67 -25.80
N LEU A 62 -0.92 4.66 -24.57
CA LEU A 62 -0.78 3.47 -23.75
C LEU A 62 -1.58 3.59 -22.47
N ASP A 63 -2.34 2.53 -22.16
CA ASP A 63 -3.06 2.39 -20.89
C ASP A 63 -2.20 1.52 -19.99
N VAL A 64 -1.57 2.14 -18.98
CA VAL A 64 -0.66 1.39 -18.12
C VAL A 64 -1.38 0.32 -17.34
N ALA A 65 -2.70 0.41 -17.24
CA ALA A 65 -3.45 -0.66 -16.56
C ALA A 65 -3.70 -1.85 -17.47
N ASP A 66 -3.58 -1.69 -18.79
CA ASP A 66 -3.78 -2.81 -19.71
C ASP A 66 -2.46 -3.58 -19.76
N ALA A 67 -2.41 -4.75 -19.09
CA ALA A 67 -1.16 -5.51 -19.01
C ALA A 67 -0.70 -5.97 -20.37
N ASP A 68 -1.64 -6.28 -21.27
CA ASP A 68 -1.26 -6.73 -22.60
C ASP A 68 -0.72 -5.57 -23.43
N GLN A 69 -1.37 -4.42 -23.37
CA GLN A 69 -0.88 -3.28 -24.13
C GLN A 69 0.52 -2.89 -23.68
N VAL A 70 0.79 -2.99 -22.37
CA VAL A 70 2.12 -2.66 -21.87
C VAL A 70 3.15 -3.63 -22.42
N ARG A 71 2.84 -4.93 -22.39
CA ARG A 71 3.73 -5.93 -22.97
C ARG A 71 4.02 -5.62 -24.43
N ASP A 72 2.97 -5.29 -25.21
CA ASP A 72 3.10 -5.02 -26.65
C ASP A 72 3.99 -3.80 -26.91
N VAL A 73 3.69 -2.67 -26.27
CA VAL A 73 4.44 -1.45 -26.55
C VAL A 73 5.89 -1.59 -26.08
N CYS A 74 6.12 -2.20 -24.89
CA CYS A 74 7.49 -2.30 -24.39
C CYS A 74 8.32 -3.25 -25.23
N ALA A 75 7.75 -4.39 -25.60
CA ALA A 75 8.44 -5.30 -26.48
C ALA A 75 8.83 -4.59 -27.77
N ARG A 76 7.93 -3.78 -28.31
CA ARG A 76 8.22 -3.10 -29.55
C ARG A 76 9.38 -2.13 -29.37
N LEU A 77 9.31 -1.28 -28.34
CA LEU A 77 10.33 -0.26 -28.15
C LEU A 77 11.64 -0.85 -27.64
N LEU A 78 11.58 -1.86 -26.77
CA LEU A 78 12.83 -2.51 -26.34
C LEU A 78 13.57 -3.20 -27.49
N ASN A 79 12.89 -3.50 -28.60
CA ASN A 79 13.59 -4.10 -29.74
C ASN A 79 14.64 -3.18 -30.32
N ASP A 80 14.42 -1.87 -30.24
CA ASP A 80 15.24 -0.93 -30.96
C ASP A 80 16.18 -0.12 -30.08
N ILE A 81 15.98 -0.13 -28.76
CA ILE A 81 16.87 0.59 -27.88
C ILE A 81 17.81 -0.40 -27.22
N GLU A 82 19.10 -0.13 -27.37
CA GLU A 82 20.15 -0.70 -26.54
C GLU A 82 19.83 -0.65 -25.06
N ARG A 83 19.44 0.52 -24.56
CA ARG A 83 19.52 0.76 -23.13
C ARG A 83 18.42 1.71 -22.70
N LEU A 84 17.80 1.37 -21.58
CA LEU A 84 16.77 2.22 -20.98
C LEU A 84 17.38 2.85 -19.73
N ASP A 85 17.99 4.04 -19.91
CA ASP A 85 18.72 4.68 -18.82
C ASP A 85 17.82 5.04 -17.64
N VAL A 86 16.60 5.52 -17.91
CA VAL A 86 15.74 6.05 -16.84
C VAL A 86 14.29 5.71 -17.16
N LEU A 87 13.62 5.07 -16.20
CA LEU A 87 12.17 4.91 -16.24
C LEU A 87 11.60 5.78 -15.12
N VAL A 88 10.60 6.60 -15.46
CA VAL A 88 9.85 7.37 -14.46
C VAL A 88 8.39 6.92 -14.49
N ASN A 89 7.91 6.37 -13.37
CA ASN A 89 6.49 6.05 -13.21
C ASN A 89 5.82 7.27 -12.63
N ALA A 90 4.98 7.93 -13.42
CA ALA A 90 4.21 9.07 -12.96
C ALA A 90 2.74 8.91 -13.28
N ALA A 91 2.33 7.82 -13.87
CA ALA A 91 0.91 7.62 -14.08
C ALA A 91 0.18 7.61 -12.75
N GLY A 92 -1.09 8.00 -12.79
CA GLY A 92 -1.88 7.99 -11.58
C GLY A 92 -3.23 8.63 -11.81
N ILE A 93 -4.21 8.30 -10.97
CA ILE A 93 -5.53 8.93 -11.00
C ILE A 93 -5.96 9.06 -9.55
N LEU A 94 -6.78 10.09 -9.31
CA LEU A 94 -7.23 10.47 -7.98
C LEU A 94 -8.74 10.33 -8.00
N ARG A 95 -9.26 9.48 -7.12
CA ARG A 95 -10.69 9.29 -6.91
C ARG A 95 -10.93 9.44 -5.41
N MET A 96 -11.82 10.34 -5.05
CA MET A 96 -11.99 10.73 -3.66
C MET A 96 -13.33 10.27 -3.12
N GLY A 97 -13.41 10.28 -1.81
CA GLY A 97 -14.65 9.96 -1.12
C GLY A 97 -14.39 9.28 0.20
N ALA A 98 -15.37 9.39 1.09
CA ALA A 98 -15.33 8.65 2.33
C ALA A 98 -15.24 7.15 2.04
N THR A 99 -14.59 6.42 2.93
CA THR A 99 -14.30 5.01 2.63
C THR A 99 -15.57 4.23 2.28
N ASP A 100 -16.63 4.40 3.06
CA ASP A 100 -17.85 3.62 2.83
C ASP A 100 -18.75 4.20 1.75
N GLN A 101 -18.35 5.28 1.08
CA GLN A 101 -19.11 5.81 -0.03
C GLN A 101 -18.43 5.61 -1.38
N LEU A 102 -17.13 5.33 -1.38
CA LEU A 102 -16.42 5.12 -2.63
C LEU A 102 -17.12 4.00 -3.41
N SER A 103 -17.32 4.26 -4.68
CA SER A 103 -17.94 3.30 -5.57
C SER A 103 -16.97 2.18 -5.92
N ALA A 104 -17.53 1.03 -6.31
CA ALA A 104 -16.66 -0.08 -6.69
C ALA A 104 -15.77 0.29 -7.88
N GLU A 105 -16.32 0.95 -8.89
CA GLU A 105 -15.49 1.35 -10.01
C GLU A 105 -14.30 2.21 -9.57
N ASP A 106 -14.56 3.18 -8.68
CA ASP A 106 -13.49 4.07 -8.25
C ASP A 106 -12.42 3.30 -7.49
N TRP A 107 -12.83 2.34 -6.67
CA TRP A 107 -11.86 1.52 -5.94
C TRP A 107 -11.00 0.70 -6.90
N GLN A 108 -11.65 0.00 -7.83
CA GLN A 108 -10.91 -0.87 -8.74
C GLN A 108 -9.98 -0.09 -9.68
N GLN A 109 -10.45 1.03 -10.24
CA GLN A 109 -9.56 1.71 -11.18
C GLN A 109 -8.43 2.43 -10.44
N THR A 110 -8.69 2.92 -9.23
CA THR A 110 -7.59 3.48 -8.45
C THR A 110 -6.42 2.51 -8.39
N PHE A 111 -6.67 1.23 -8.07
CA PHE A 111 -5.56 0.30 -7.89
C PHE A 111 -4.98 -0.17 -9.23
N ALA A 112 -5.81 -0.48 -10.23
CA ALA A 112 -5.26 -0.95 -11.49
C ALA A 112 -4.31 0.09 -12.08
N VAL A 113 -4.66 1.37 -12.00
CA VAL A 113 -3.77 2.42 -12.48
C VAL A 113 -2.62 2.65 -11.51
N ASN A 114 -2.93 3.04 -10.26
CA ASN A 114 -1.88 3.62 -9.42
C ASN A 114 -0.84 2.58 -9.00
N VAL A 115 -1.20 1.28 -8.98
CA VAL A 115 -0.29 0.21 -8.62
C VAL A 115 -0.05 -0.73 -9.80
N GLY A 116 -1.12 -1.20 -10.41
CA GLY A 116 -0.98 -2.10 -11.55
C GLY A 116 -0.16 -1.51 -12.66
N GLY A 117 -0.36 -0.22 -12.96
CA GLY A 117 0.43 0.47 -13.95
C GLY A 117 1.92 0.24 -13.78
N ALA A 118 2.50 0.67 -12.67
CA ALA A 118 3.90 0.37 -12.40
C ALA A 118 4.18 -1.13 -12.48
N PHE A 119 3.38 -1.95 -11.79
CA PHE A 119 3.59 -3.39 -11.84
C PHE A 119 3.81 -3.86 -13.27
N ASN A 120 2.95 -3.42 -14.19
CA ASN A 120 3.09 -3.86 -15.58
C ASN A 120 4.39 -3.35 -16.19
N LEU A 121 4.73 -2.07 -15.94
CA LEU A 121 5.99 -1.54 -16.44
C LEU A 121 7.17 -2.32 -15.86
N PHE A 122 7.14 -2.60 -14.57
CA PHE A 122 8.24 -3.37 -13.99
C PHE A 122 8.35 -4.73 -14.68
N GLN A 123 7.21 -5.42 -14.89
CA GLN A 123 7.25 -6.78 -15.46
C GLN A 123 7.88 -6.79 -16.86
N GLN A 124 7.69 -5.71 -17.64
CA GLN A 124 8.21 -5.65 -18.99
C GLN A 124 9.60 -5.04 -19.07
N THR A 125 10.00 -4.26 -18.08
CA THR A 125 11.30 -3.60 -18.13
C THR A 125 12.36 -4.26 -17.26
N MET A 126 11.99 -5.09 -16.29
CA MET A 126 13.00 -5.49 -15.33
C MET A 126 14.06 -6.36 -15.98
N ALA A 127 13.66 -7.23 -16.92
CA ALA A 127 14.63 -7.92 -17.73
C ALA A 127 15.60 -6.93 -18.39
N GLN A 128 15.08 -5.85 -18.96
CA GLN A 128 15.99 -4.92 -19.63
C GLN A 128 17.00 -4.33 -18.64
N PHE A 129 16.55 -3.94 -17.44
CA PHE A 129 17.45 -3.38 -16.44
C PHE A 129 18.49 -4.41 -15.98
N ARG A 130 18.09 -5.67 -15.89
CA ARG A 130 19.03 -6.73 -15.55
C ARG A 130 20.05 -6.96 -16.68
N ARG A 131 19.58 -7.03 -17.92
CA ARG A 131 20.48 -7.16 -19.07
C ARG A 131 21.58 -6.11 -19.07
N GLN A 132 21.21 -4.82 -19.12
CA GLN A 132 22.20 -3.75 -19.27
C GLN A 132 23.00 -3.52 -17.99
N ARG A 133 22.50 -3.96 -16.84
CA ARG A 133 23.23 -3.84 -15.58
C ARG A 133 23.37 -2.38 -15.11
N GLY A 134 22.26 -1.65 -15.07
CA GLY A 134 22.29 -0.33 -14.49
C GLY A 134 21.09 0.51 -14.89
N GLY A 135 21.21 1.82 -14.62
CA GLY A 135 20.14 2.78 -14.84
C GLY A 135 19.42 3.16 -13.56
N ALA A 136 18.38 3.96 -13.73
CA ALA A 136 17.66 4.56 -12.61
C ALA A 136 16.16 4.51 -12.85
N ILE A 137 15.45 4.25 -11.77
CA ILE A 137 14.00 4.29 -11.74
C ILE A 137 13.58 5.31 -10.70
N VAL A 138 12.58 6.11 -11.03
CA VAL A 138 11.91 6.98 -10.06
C VAL A 138 10.41 6.80 -10.23
N THR A 139 9.73 6.62 -9.11
CA THR A 139 8.28 6.46 -9.09
C THR A 139 7.64 7.58 -8.28
N VAL A 140 6.56 8.15 -8.82
CA VAL A 140 5.85 9.22 -8.15
C VAL A 140 4.79 8.60 -7.26
N ALA A 141 5.02 8.67 -5.94
CA ALA A 141 4.02 8.29 -4.95
C ALA A 141 3.12 9.47 -4.56
N SER A 142 3.09 9.82 -3.29
CA SER A 142 2.24 10.94 -2.87
C SER A 142 2.46 11.17 -1.39
N ASP A 143 2.16 12.40 -0.93
CA ASP A 143 2.20 12.65 0.50
C ASP A 143 1.15 11.82 1.23
N ALA A 144 0.06 11.47 0.54
CA ALA A 144 -1.05 10.71 1.11
C ALA A 144 -0.64 9.29 1.50
N ALA A 145 0.51 8.83 1.01
CA ALA A 145 1.12 7.58 1.38
C ALA A 145 1.95 7.70 2.63
N HIS A 146 2.15 8.90 3.14
CA HIS A 146 2.92 9.13 4.35
C HIS A 146 2.06 9.47 5.55
N THR A 147 0.77 9.69 5.36
CA THR A 147 -0.06 10.23 6.40
C THR A 147 -1.51 10.01 5.99
N PRO A 148 -2.37 9.60 6.90
CA PRO A 148 -3.77 9.40 6.53
C PRO A 148 -4.47 10.69 6.11
N ARG A 149 -5.24 10.59 5.04
CA ARG A 149 -5.93 11.75 4.48
C ARG A 149 -7.43 11.51 4.34
N ILE A 150 -8.20 12.29 5.07
CA ILE A 150 -9.65 12.22 4.95
C ILE A 150 -10.06 12.39 3.50
N GLY A 151 -10.97 11.54 3.02
CA GLY A 151 -11.42 11.63 1.66
C GLY A 151 -10.55 10.91 0.65
N MET A 152 -9.35 10.47 1.06
CA MET A 152 -8.40 9.86 0.13
C MET A 152 -7.93 8.49 0.62
N SER A 153 -8.73 7.81 1.46
CA SER A 153 -8.29 6.52 1.98
C SER A 153 -7.80 5.62 0.86
N ALA A 154 -8.61 5.49 -0.18
CA ALA A 154 -8.27 4.59 -1.27
C ALA A 154 -7.08 5.10 -2.08
N TYR A 155 -7.04 6.40 -2.35
CA TYR A 155 -5.93 6.96 -3.11
C TYR A 155 -4.63 6.84 -2.32
N GLY A 156 -4.63 7.22 -1.06
CA GLY A 156 -3.42 7.07 -0.28
C GLY A 156 -3.00 5.63 -0.13
N ALA A 157 -3.96 4.71 -0.08
CA ALA A 157 -3.58 3.30 0.06
C ALA A 157 -2.95 2.76 -1.23
N SER A 158 -3.49 3.11 -2.41
CA SER A 158 -2.85 2.71 -3.66
C SER A 158 -1.42 3.26 -3.75
N LYS A 159 -1.19 4.48 -3.30
CA LYS A 159 0.13 5.08 -3.41
C LYS A 159 1.10 4.51 -2.38
N ALA A 160 0.56 3.98 -1.30
CA ALA A 160 1.39 3.27 -0.32
C ALA A 160 1.80 1.91 -0.85
N ALA A 161 0.86 1.18 -1.47
CA ALA A 161 1.21 -0.04 -2.20
C ALA A 161 2.22 0.25 -3.31
N LEU A 162 2.01 1.31 -4.08
CA LEU A 162 2.97 1.70 -5.11
C LEU A 162 4.36 1.89 -4.51
N LYS A 163 4.46 2.67 -3.45
CA LYS A 163 5.77 2.86 -2.82
C LYS A 163 6.39 1.52 -2.43
N SER A 164 5.63 0.65 -1.77
CA SER A 164 6.19 -0.63 -1.33
C SER A 164 6.63 -1.48 -2.53
N LEU A 165 5.77 -1.60 -3.54
CA LEU A 165 6.18 -2.25 -4.78
C LEU A 165 7.51 -1.71 -5.27
N ALA A 166 7.60 -0.40 -5.39
CA ALA A 166 8.77 0.20 -6.02
C ALA A 166 10.02 -0.06 -5.20
N LEU A 167 9.90 -0.10 -3.89
CA LEU A 167 11.07 -0.35 -3.06
C LEU A 167 11.52 -1.79 -3.17
N THR A 168 10.59 -2.74 -3.27
CA THR A 168 11.00 -4.15 -3.34
C THR A 168 11.59 -4.44 -4.73
N VAL A 169 10.98 -3.86 -5.77
CA VAL A 169 11.62 -3.88 -7.08
C VAL A 169 13.04 -3.31 -6.97
N GLY A 170 13.19 -2.20 -6.25
CA GLY A 170 14.52 -1.64 -6.08
C GLY A 170 15.48 -2.62 -5.44
N LEU A 171 15.05 -3.30 -4.41
CA LEU A 171 15.89 -4.31 -3.77
C LEU A 171 16.19 -5.45 -4.74
N GLU A 172 15.22 -5.82 -5.59
CA GLU A 172 15.45 -6.94 -6.51
C GLU A 172 16.50 -6.60 -7.57
N LEU A 173 16.54 -5.34 -8.05
CA LEU A 173 17.47 -4.94 -9.09
C LEU A 173 18.78 -4.36 -8.58
N ALA A 174 18.93 -4.15 -7.27
CA ALA A 174 20.16 -3.51 -6.82
C ALA A 174 21.40 -4.34 -7.15
N GLY A 175 21.24 -5.67 -7.27
CA GLY A 175 22.36 -6.50 -7.67
C GLY A 175 22.85 -6.14 -9.05
N SER A 176 21.96 -5.63 -9.89
CA SER A 176 22.24 -5.19 -11.24
C SER A 176 22.75 -3.75 -11.31
N GLY A 177 22.79 -3.06 -10.17
CA GLY A 177 23.20 -1.67 -10.10
C GLY A 177 22.15 -0.66 -10.50
N VAL A 178 20.88 -1.01 -10.43
CA VAL A 178 19.81 -0.08 -10.74
C VAL A 178 19.45 0.62 -9.45
N ARG A 179 19.44 1.96 -9.47
CA ARG A 179 18.91 2.74 -8.35
C ARG A 179 17.42 2.92 -8.57
N CYS A 180 16.63 2.80 -7.48
CA CYS A 180 15.16 2.89 -7.53
C CYS A 180 14.69 3.73 -6.35
N ASN A 181 14.11 4.89 -6.66
CA ASN A 181 13.68 5.84 -5.65
C ASN A 181 12.32 6.40 -6.00
N LEU A 182 11.78 7.17 -5.07
CA LEU A 182 10.46 7.76 -5.18
C LEU A 182 10.51 9.23 -4.80
N VAL A 183 9.59 9.97 -5.34
CA VAL A 183 9.25 11.30 -4.90
C VAL A 183 7.79 11.27 -4.49
N SER A 184 7.46 11.95 -3.40
CA SER A 184 6.12 12.01 -2.85
C SER A 184 5.62 13.46 -2.78
N PRO A 185 4.87 13.92 -3.78
CA PRO A 185 4.41 15.31 -3.76
C PRO A 185 3.26 15.58 -2.81
N GLY A 186 3.32 16.76 -2.18
CA GLY A 186 2.15 17.40 -1.63
C GLY A 186 1.35 18.15 -2.70
N SER A 187 0.47 19.02 -2.23
CA SER A 187 -0.38 19.78 -3.14
C SER A 187 0.48 20.45 -4.19
N THR A 188 0.09 20.30 -5.45
CA THR A 188 0.82 20.85 -6.58
C THR A 188 -0.17 21.58 -7.49
N ASP A 189 0.31 22.65 -8.11
CA ASP A 189 -0.52 23.40 -9.07
C ASP A 189 -0.69 22.66 -10.39
N THR A 190 -1.79 21.90 -10.50
CA THR A 190 -2.12 21.15 -11.69
C THR A 190 -3.58 21.40 -12.07
N ASP A 191 -3.95 20.92 -13.24
CA ASP A 191 -5.33 21.05 -13.70
C ASP A 191 -6.27 20.15 -12.90
N MET A 192 -5.81 18.97 -12.48
CA MET A 192 -6.64 18.13 -11.62
C MET A 192 -6.81 18.77 -10.24
N GLN A 193 -5.77 19.45 -9.76
CA GLN A 193 -5.84 20.10 -8.46
C GLN A 193 -6.64 21.40 -8.54
N ARG A 194 -6.45 22.18 -9.62
CA ARG A 194 -7.17 23.44 -9.79
C ARG A 194 -8.67 23.19 -9.81
N THR A 195 -9.14 22.40 -10.77
CA THR A 195 -10.57 22.12 -10.88
C THR A 195 -11.10 21.49 -9.59
N LEU A 196 -10.40 20.48 -9.06
CA LEU A 196 -10.86 19.75 -7.88
C LEU A 196 -10.88 20.60 -6.61
N TRP A 197 -10.50 21.87 -6.67
CA TRP A 197 -10.55 22.76 -5.50
C TRP A 197 -11.90 23.46 -5.44
N VAL A 198 -12.17 24.36 -6.37
CA VAL A 198 -13.48 24.98 -6.54
C VAL A 198 -13.85 25.93 -5.41
N ASN A 199 -13.15 25.86 -4.28
CA ASN A 199 -13.43 26.74 -3.15
C ASN A 199 -12.90 28.16 -3.35
N GLU A 200 -12.40 28.48 -4.55
CA GLU A 200 -11.95 29.82 -4.92
C GLU A 200 -10.59 30.13 -4.29
N ASP A 201 -10.60 30.64 -3.06
CA ASP A 201 -9.38 30.83 -2.28
C ASP A 201 -8.83 29.50 -1.77
N ALA A 202 -9.23 28.39 -2.40
CA ALA A 202 -8.79 27.09 -1.93
C ALA A 202 -7.28 26.98 -1.78
N GLU A 203 -6.50 27.69 -2.62
CA GLU A 203 -5.05 27.54 -2.52
C GLU A 203 -4.55 28.09 -1.19
N GLN A 204 -5.16 29.16 -0.69
CA GLN A 204 -4.70 29.73 0.56
C GLN A 204 -5.18 28.90 1.74
N GLN A 205 -6.40 28.36 1.66
CA GLN A 205 -6.90 27.47 2.70
C GLN A 205 -6.04 26.21 2.83
N ARG A 206 -5.44 25.74 1.73
CA ARG A 206 -4.57 24.58 1.86
C ARG A 206 -3.28 24.95 2.59
N ILE A 207 -2.74 26.14 2.30
CA ILE A 207 -1.48 26.56 2.91
C ILE A 207 -1.67 26.75 4.41
N ARG A 208 -2.79 27.36 4.80
CA ARG A 208 -3.13 27.53 6.20
C ARG A 208 -3.26 26.17 6.89
N GLY A 209 -4.00 25.24 6.28
CA GLY A 209 -4.28 23.94 6.84
C GLY A 209 -5.73 23.80 7.25
N PHE A 210 -6.10 22.58 7.66
CA PHE A 210 -7.45 22.27 8.12
C PHE A 210 -7.33 21.49 9.42
N GLY A 211 -7.22 22.22 10.52
CA GLY A 211 -7.13 21.59 11.81
C GLY A 211 -8.27 20.62 12.06
N GLU A 212 -9.48 20.93 11.55
CA GLU A 212 -10.66 20.11 11.83
C GLU A 212 -10.51 18.71 11.26
N GLN A 213 -9.92 18.58 10.06
CA GLN A 213 -9.66 17.29 9.41
C GLN A 213 -8.25 16.77 9.68
N PHE A 214 -7.54 17.35 10.65
CA PHE A 214 -6.18 16.93 11.01
C PHE A 214 -5.28 16.90 9.78
N LYS A 215 -5.40 17.94 8.95
CA LYS A 215 -4.52 18.17 7.81
C LYS A 215 -3.72 19.45 8.08
N LEU A 216 -2.41 19.32 8.20
CA LEU A 216 -1.55 20.45 8.53
C LEU A 216 -1.41 21.35 7.31
N GLY A 217 -1.22 22.65 7.57
CA GLY A 217 -0.90 23.61 6.53
C GLY A 217 0.49 23.36 5.96
N ILE A 218 0.98 24.33 5.19
CA ILE A 218 2.26 24.15 4.52
C ILE A 218 3.24 25.16 5.10
N PRO A 219 4.23 24.72 5.89
CA PRO A 219 5.15 25.69 6.52
C PRO A 219 5.87 26.60 5.55
N LEU A 220 6.35 26.09 4.43
CA LEU A 220 6.94 27.01 3.47
C LEU A 220 5.93 27.98 2.88
N GLY A 221 4.64 27.91 3.23
CA GLY A 221 3.76 29.00 2.82
C GLY A 221 3.41 29.06 1.35
N LYS A 222 3.44 27.94 0.64
CA LYS A 222 3.14 27.90 -0.79
C LYS A 222 2.91 26.45 -1.17
N ILE A 223 2.18 26.24 -2.27
CA ILE A 223 2.03 24.90 -2.83
C ILE A 223 3.12 24.65 -3.87
N ALA A 224 3.30 23.38 -4.26
CA ALA A 224 4.37 22.99 -5.17
C ALA A 224 4.03 23.36 -6.60
N ARG A 225 5.08 23.66 -7.37
CA ARG A 225 5.01 23.75 -8.81
C ARG A 225 5.44 22.44 -9.44
N PRO A 226 4.81 22.03 -10.54
CA PRO A 226 5.20 20.74 -11.14
C PRO A 226 6.70 20.65 -11.46
N GLN A 227 7.29 21.74 -11.96
CA GLN A 227 8.73 21.75 -12.23
C GLN A 227 9.54 21.41 -10.98
N GLU A 228 9.00 21.73 -9.79
CA GLU A 228 9.71 21.48 -8.54
C GLU A 228 9.67 20.01 -8.16
N ILE A 229 8.59 19.31 -8.52
CA ILE A 229 8.62 17.85 -8.43
C ILE A 229 9.59 17.29 -9.45
N ALA A 230 9.53 17.80 -10.70
CA ALA A 230 10.32 17.23 -11.78
C ALA A 230 11.81 17.36 -11.50
N ASN A 231 12.23 18.48 -10.92
CA ASN A 231 13.63 18.68 -10.62
C ASN A 231 14.12 17.65 -9.60
N THR A 232 13.28 17.32 -8.64
CA THR A 232 13.64 16.34 -7.64
C THR A 232 13.82 14.97 -8.29
N ILE A 233 12.95 14.66 -9.24
CA ILE A 233 13.08 13.42 -10.01
C ILE A 233 14.40 13.40 -10.80
N LEU A 234 14.72 14.52 -11.47
CA LEU A 234 15.97 14.59 -12.21
C LEU A 234 17.17 14.34 -11.31
N PHE A 235 17.20 14.94 -10.13
CA PHE A 235 18.30 14.62 -9.22
C PHE A 235 18.36 13.12 -8.94
N LEU A 236 17.21 12.52 -8.63
CA LEU A 236 17.23 11.15 -8.20
C LEU A 236 17.65 10.24 -9.34
N ALA A 237 17.37 10.66 -10.59
CA ALA A 237 17.72 9.90 -11.78
C ALA A 237 19.18 10.07 -12.23
N SER A 238 19.84 11.13 -11.79
CA SER A 238 21.17 11.55 -12.24
C SER A 238 22.27 10.82 -11.47
N SER A 239 23.51 11.03 -11.88
CA SER A 239 24.66 10.44 -11.20
C SER A 239 25.08 11.26 -9.99
N HIS A 240 24.52 12.45 -9.81
CA HIS A 240 24.66 13.11 -8.52
C HIS A 240 24.10 12.24 -7.40
N ALA A 241 23.07 11.44 -7.69
CA ALA A 241 22.48 10.53 -6.70
C ALA A 241 23.03 9.10 -6.80
N SER A 242 24.32 8.97 -7.17
CA SER A 242 24.92 7.67 -7.46
C SER A 242 24.98 6.74 -6.25
N HIS A 243 24.75 7.23 -5.02
CA HIS A 243 24.71 6.30 -3.89
C HIS A 243 23.35 6.25 -3.21
N ILE A 244 22.29 6.65 -3.89
CA ILE A 244 20.98 6.83 -3.28
C ILE A 244 20.05 5.82 -3.91
N THR A 245 19.57 4.88 -3.10
CA THR A 245 18.53 4.00 -3.59
C THR A 245 17.61 3.63 -2.46
N LEU A 246 16.37 3.31 -2.83
CA LEU A 246 15.30 2.93 -1.94
C LEU A 246 14.88 4.09 -1.03
N GLN A 247 15.11 5.33 -1.45
CA GLN A 247 14.69 6.50 -0.70
C GLN A 247 13.44 7.11 -1.31
N ASP A 248 12.73 7.87 -0.50
CA ASP A 248 11.51 8.56 -0.91
C ASP A 248 11.62 9.98 -0.41
N ILE A 249 11.66 10.95 -1.34
CA ILE A 249 11.74 12.36 -0.99
C ILE A 249 10.36 13.01 -1.04
N VAL A 250 9.88 13.47 0.10
CA VAL A 250 8.63 14.19 0.16
C VAL A 250 8.88 15.62 -0.29
N VAL A 251 8.08 16.09 -1.23
CA VAL A 251 8.21 17.43 -1.79
C VAL A 251 6.89 18.13 -1.51
N ASP A 252 6.80 18.82 -0.35
CA ASP A 252 5.49 19.31 0.11
C ASP A 252 5.61 20.50 1.05
N GLY A 253 6.71 21.26 0.99
CA GLY A 253 6.87 22.41 1.84
C GLY A 253 6.97 22.11 3.29
N GLY A 254 7.15 20.83 3.65
CA GLY A 254 7.20 20.44 5.04
C GLY A 254 5.87 20.06 5.65
N SER A 255 4.80 19.91 4.85
CA SER A 255 3.47 19.81 5.44
C SER A 255 3.32 18.56 6.32
N THR A 256 4.00 17.47 6.02
CA THR A 256 3.92 16.30 6.89
C THR A 256 4.98 16.33 7.98
N LEU A 257 5.71 17.43 8.15
CA LEU A 257 6.68 17.56 9.23
C LEU A 257 7.76 16.50 9.14
N GLY A 258 8.07 16.06 7.94
CA GLY A 258 9.07 15.03 7.71
C GLY A 258 8.60 13.58 7.73
N ALA A 259 7.34 13.31 8.09
CA ALA A 259 6.78 11.98 7.97
C ALA A 259 6.58 11.54 6.50
N LEU B 12 -7.72 -8.90 31.13
CA LEU B 12 -8.37 -8.21 30.02
C LEU B 12 -9.69 -8.87 29.68
N ASP B 13 -10.76 -8.38 30.27
CA ASP B 13 -12.05 -9.04 30.19
C ASP B 13 -12.86 -8.40 29.06
N PHE B 14 -13.36 -9.25 28.17
CA PHE B 14 -14.22 -8.82 27.08
C PHE B 14 -15.63 -9.38 27.22
N HIS B 15 -16.00 -9.85 28.40
CA HIS B 15 -17.32 -10.46 28.58
C HIS B 15 -18.42 -9.60 28.00
N GLY B 16 -19.31 -10.24 27.24
CA GLY B 16 -20.49 -9.60 26.71
C GLY B 16 -20.29 -8.82 25.45
N GLN B 17 -19.04 -8.48 25.11
CA GLN B 17 -18.75 -7.72 23.90
C GLN B 17 -18.87 -8.59 22.66
N THR B 18 -19.40 -7.98 21.60
CA THR B 18 -19.52 -8.60 20.29
C THR B 18 -18.22 -8.41 19.50
N VAL B 19 -17.64 -9.51 19.03
CA VAL B 19 -16.34 -9.48 18.36
C VAL B 19 -16.44 -10.23 17.03
N TRP B 20 -16.03 -9.58 15.96
CA TRP B 20 -15.92 -10.21 14.65
C TRP B 20 -14.44 -10.36 14.27
N VAL B 21 -14.09 -11.53 13.73
CA VAL B 21 -12.74 -11.84 13.29
C VAL B 21 -12.78 -12.50 11.92
N THR B 22 -12.16 -11.86 10.92
CA THR B 22 -11.98 -12.47 9.61
C THR B 22 -10.72 -13.30 9.62
N GLY B 23 -10.62 -14.18 8.64
CA GLY B 23 -9.51 -15.13 8.62
C GLY B 23 -9.50 -16.03 9.82
N ALA B 24 -10.67 -16.27 10.42
CA ALA B 24 -10.76 -16.98 11.68
C ALA B 24 -10.56 -18.47 11.55
N GLY B 25 -10.48 -18.99 10.33
CA GLY B 25 -10.46 -20.44 10.13
C GLY B 25 -9.15 -21.11 10.53
N LYS B 26 -8.05 -20.37 10.55
CA LYS B 26 -6.75 -20.96 10.89
C LYS B 26 -5.81 -19.82 11.32
N GLY B 27 -4.63 -20.22 11.77
CA GLY B 27 -3.56 -19.28 12.01
C GLY B 27 -3.92 -18.16 12.97
N ILE B 28 -3.44 -16.97 12.65
CA ILE B 28 -3.58 -15.85 13.55
C ILE B 28 -5.04 -15.55 13.82
N GLY B 29 -5.86 -15.51 12.75
CA GLY B 29 -7.28 -15.28 12.95
C GLY B 29 -7.93 -16.26 13.92
N TYR B 30 -7.58 -17.54 13.82
CA TYR B 30 -8.14 -18.53 14.73
C TYR B 30 -7.68 -18.28 16.15
N ALA B 31 -6.37 -18.10 16.34
CA ALA B 31 -5.84 -17.88 17.68
C ALA B 31 -6.45 -16.62 18.30
N THR B 32 -6.77 -15.62 17.48
CA THR B 32 -7.34 -14.37 18.00
C THR B 32 -8.80 -14.58 18.40
N ALA B 33 -9.59 -15.22 17.53
CA ALA B 33 -10.96 -15.52 17.89
C ALA B 33 -11.00 -16.36 19.17
N LEU B 34 -10.21 -17.43 19.21
CA LEU B 34 -10.09 -18.24 20.42
C LEU B 34 -9.76 -17.38 21.63
N ALA B 35 -8.79 -16.48 21.50
CA ALA B 35 -8.41 -15.69 22.65
C ALA B 35 -9.57 -14.82 23.13
N PHE B 36 -10.35 -14.26 22.21
CA PHE B 36 -11.52 -13.47 22.60
C PHE B 36 -12.58 -14.36 23.25
N VAL B 37 -12.69 -15.61 22.81
CA VAL B 37 -13.63 -16.54 23.47
C VAL B 37 -13.18 -16.79 24.91
N GLU B 38 -11.90 -17.11 25.10
CA GLU B 38 -11.41 -17.32 26.46
C GLU B 38 -11.59 -16.07 27.31
N ALA B 39 -11.64 -14.89 26.68
CA ALA B 39 -11.80 -13.64 27.40
C ALA B 39 -13.24 -13.24 27.63
N GLY B 40 -14.21 -14.08 27.25
CA GLY B 40 -15.61 -13.88 27.57
C GLY B 40 -16.42 -13.23 26.45
N ALA B 41 -15.83 -12.95 25.31
CA ALA B 41 -16.55 -12.22 24.28
C ALA B 41 -17.47 -13.16 23.47
N ASN B 42 -18.46 -12.57 22.81
CA ASN B 42 -19.29 -13.31 21.87
C ASN B 42 -18.70 -13.13 20.47
N VAL B 43 -17.96 -14.15 20.02
CA VAL B 43 -17.14 -14.11 18.83
C VAL B 43 -17.91 -14.69 17.66
N THR B 44 -17.74 -14.08 16.50
CA THR B 44 -18.12 -14.66 15.22
C THR B 44 -16.88 -14.62 14.34
N GLY B 45 -16.48 -15.78 13.81
CA GLY B 45 -15.36 -15.85 12.89
C GLY B 45 -15.84 -15.94 11.45
N PHE B 46 -15.10 -15.32 10.53
CA PHE B 46 -15.43 -15.35 9.11
C PHE B 46 -14.24 -15.88 8.31
N ASP B 47 -14.51 -16.72 7.32
CA ASP B 47 -13.44 -17.27 6.50
C ASP B 47 -14.03 -17.98 5.29
N LEU B 48 -13.14 -18.26 4.34
CA LEU B 48 -13.52 -19.05 3.18
C LEU B 48 -13.87 -20.46 3.59
N ALA B 49 -13.06 -21.06 4.47
CA ALA B 49 -13.33 -22.40 4.95
C ALA B 49 -12.91 -22.53 6.40
N PHE B 50 -13.56 -23.49 7.06
CA PHE B 50 -13.36 -23.82 8.48
C PHE B 50 -13.11 -25.33 8.52
N ASP B 51 -11.89 -25.76 8.19
CA ASP B 51 -11.56 -27.17 8.12
C ASP B 51 -10.99 -27.74 9.43
N GLY B 52 -10.81 -26.91 10.46
CA GLY B 52 -10.24 -27.39 11.71
C GLY B 52 -11.03 -28.50 12.38
N GLU B 53 -10.50 -29.02 13.50
CA GLU B 53 -11.25 -29.98 14.30
C GLU B 53 -12.35 -29.30 15.09
N GLY B 54 -12.13 -28.06 15.52
CA GLY B 54 -13.09 -27.44 16.40
C GLY B 54 -13.04 -25.93 16.43
N TYR B 55 -14.21 -25.32 16.40
CA TYR B 55 -14.33 -23.85 16.46
C TYR B 55 -15.25 -23.46 17.61
N PRO B 56 -14.69 -23.03 18.73
CA PRO B 56 -15.54 -22.68 19.88
C PRO B 56 -16.28 -21.35 19.75
N PHE B 57 -16.45 -20.86 18.54
CA PHE B 57 -17.18 -19.63 18.30
C PHE B 57 -18.04 -19.83 17.06
N ALA B 58 -19.05 -18.99 16.92
CA ALA B 58 -19.83 -18.99 15.69
C ALA B 58 -18.94 -18.83 14.46
N THR B 59 -19.29 -19.54 13.38
CA THR B 59 -18.59 -19.45 12.12
C THR B 59 -19.55 -18.98 11.03
N GLU B 60 -19.01 -18.24 10.04
CA GLU B 60 -19.73 -17.77 8.86
C GLU B 60 -18.83 -17.91 7.65
N MET B 61 -19.29 -18.63 6.63
CA MET B 61 -18.52 -18.72 5.38
C MET B 61 -18.69 -17.44 4.59
N LEU B 62 -17.58 -16.94 4.05
CA LEU B 62 -17.53 -15.61 3.46
C LEU B 62 -16.20 -15.44 2.75
N ASP B 63 -16.26 -15.05 1.49
CA ASP B 63 -15.10 -14.58 0.76
C ASP B 63 -15.06 -13.07 0.97
N VAL B 64 -14.19 -12.61 1.88
CA VAL B 64 -14.03 -11.17 2.10
C VAL B 64 -13.76 -10.42 0.79
N ALA B 65 -13.15 -11.08 -0.18
CA ALA B 65 -12.89 -10.43 -1.46
C ALA B 65 -14.16 -10.19 -2.25
N ASP B 66 -15.28 -10.81 -1.89
CA ASP B 66 -16.50 -10.76 -2.69
C ASP B 66 -17.41 -9.69 -2.09
N ALA B 67 -17.44 -8.52 -2.74
CA ALA B 67 -18.13 -7.37 -2.15
C ALA B 67 -19.61 -7.64 -1.91
N ASP B 68 -20.27 -8.35 -2.81
CA ASP B 68 -21.69 -8.59 -2.64
C ASP B 68 -21.96 -9.51 -1.46
N GLN B 69 -21.16 -10.57 -1.32
CA GLN B 69 -21.34 -11.48 -0.18
C GLN B 69 -21.09 -10.75 1.13
N VAL B 70 -20.04 -9.93 1.19
CA VAL B 70 -19.78 -9.19 2.41
C VAL B 70 -20.96 -8.29 2.76
N ARG B 71 -21.55 -7.62 1.76
CA ARG B 71 -22.73 -6.81 2.02
C ARG B 71 -23.85 -7.64 2.62
N ASP B 72 -24.15 -8.79 2.02
CA ASP B 72 -25.27 -9.60 2.47
C ASP B 72 -25.04 -10.09 3.90
N VAL B 73 -23.93 -10.78 4.14
CA VAL B 73 -23.64 -11.31 5.47
C VAL B 73 -23.69 -10.19 6.51
N CYS B 74 -22.97 -9.08 6.27
CA CYS B 74 -22.88 -8.04 7.30
C CYS B 74 -24.23 -7.38 7.60
N ALA B 75 -25.08 -7.25 6.60
CA ALA B 75 -26.39 -6.66 6.84
C ALA B 75 -27.25 -7.58 7.71
N ARG B 76 -27.32 -8.85 7.33
CA ARG B 76 -28.08 -9.83 8.11
C ARG B 76 -27.69 -9.79 9.58
N LEU B 77 -26.40 -9.68 9.86
CA LEU B 77 -25.93 -9.79 11.25
C LEU B 77 -26.14 -8.51 12.04
N LEU B 78 -25.88 -7.35 11.42
CA LEU B 78 -26.02 -6.08 12.14
C LEU B 78 -27.47 -5.81 12.50
N ASN B 79 -28.41 -6.41 11.78
CA ASN B 79 -29.81 -6.29 12.17
C ASN B 79 -30.05 -6.93 13.53
N ASP B 80 -29.31 -7.97 13.86
CA ASP B 80 -29.47 -8.70 15.11
C ASP B 80 -28.52 -8.25 16.21
N ILE B 81 -27.58 -7.33 15.96
CA ILE B 81 -26.65 -6.91 16.99
C ILE B 81 -26.75 -5.41 17.21
N GLU B 82 -26.85 -5.03 18.48
CA GLU B 82 -26.86 -3.65 18.92
C GLU B 82 -25.53 -2.96 18.71
N ARG B 83 -24.44 -3.70 18.76
CA ARG B 83 -23.13 -3.10 18.96
C ARG B 83 -22.06 -4.07 18.50
N LEU B 84 -21.18 -3.60 17.62
CA LEU B 84 -20.00 -4.36 17.17
C LEU B 84 -18.81 -3.80 17.93
N ASP B 85 -18.47 -4.41 19.07
CA ASP B 85 -17.46 -3.79 19.95
C ASP B 85 -16.05 -3.88 19.37
N VAL B 86 -15.71 -4.96 18.70
CA VAL B 86 -14.37 -5.14 18.15
C VAL B 86 -14.48 -5.77 16.77
N LEU B 87 -13.76 -5.21 15.82
CA LEU B 87 -13.60 -5.81 14.50
C LEU B 87 -12.12 -6.09 14.30
N VAL B 88 -11.78 -7.33 14.00
CA VAL B 88 -10.44 -7.74 13.63
C VAL B 88 -10.46 -8.16 12.17
N ASN B 89 -9.72 -7.44 11.33
CA ASN B 89 -9.40 -7.85 9.97
C ASN B 89 -8.11 -8.67 10.01
N ALA B 90 -8.22 -9.95 9.76
CA ALA B 90 -7.06 -10.80 9.79
C ALA B 90 -7.01 -11.72 8.57
N ALA B 91 -7.94 -11.57 7.63
CA ALA B 91 -7.90 -12.33 6.40
C ALA B 91 -6.68 -11.92 5.59
N GLY B 92 -6.19 -12.85 4.80
CA GLY B 92 -4.96 -12.61 4.07
C GLY B 92 -4.48 -13.81 3.30
N ILE B 93 -3.78 -13.58 2.18
CA ILE B 93 -3.16 -14.68 1.45
C ILE B 93 -1.76 -14.28 1.01
N LEU B 94 -0.86 -15.28 1.01
CA LEU B 94 0.53 -15.07 0.65
C LEU B 94 0.84 -15.74 -0.69
N ARG B 95 1.01 -14.94 -1.74
CA ARG B 95 1.46 -15.40 -3.05
C ARG B 95 2.82 -14.81 -3.31
N MET B 96 3.80 -15.66 -3.56
CA MET B 96 5.19 -15.21 -3.72
C MET B 96 5.66 -15.33 -5.17
N GLY B 97 6.80 -14.68 -5.43
CA GLY B 97 7.30 -14.46 -6.77
C GLY B 97 8.11 -13.17 -6.95
N ALA B 98 9.24 -13.30 -7.63
CA ALA B 98 9.92 -12.17 -8.23
C ALA B 98 8.92 -11.35 -9.01
N THR B 99 9.04 -10.01 -8.90
CA THR B 99 8.04 -9.13 -9.48
C THR B 99 7.78 -9.46 -10.94
N ASP B 100 8.83 -9.58 -11.73
CA ASP B 100 8.59 -9.83 -13.16
C ASP B 100 8.22 -11.29 -13.49
N GLN B 101 8.05 -12.17 -12.51
CA GLN B 101 7.51 -13.50 -12.77
C GLN B 101 6.08 -13.71 -12.25
N LEU B 102 5.65 -12.90 -11.28
CA LEU B 102 4.36 -13.10 -10.64
C LEU B 102 3.26 -13.14 -11.68
N SER B 103 2.34 -14.10 -11.54
CA SER B 103 1.25 -14.29 -12.47
C SER B 103 0.17 -13.24 -12.27
N ALA B 104 -0.66 -13.07 -13.29
CA ALA B 104 -1.71 -12.06 -13.20
C ALA B 104 -2.72 -12.44 -12.12
N GLU B 105 -3.02 -13.73 -12.02
CA GLU B 105 -3.96 -14.22 -11.01
C GLU B 105 -3.45 -13.93 -9.62
N ASP B 106 -2.17 -14.17 -9.36
CA ASP B 106 -1.68 -13.99 -8.00
C ASP B 106 -1.65 -12.52 -7.62
N TRP B 107 -1.35 -11.64 -8.59
CA TRP B 107 -1.42 -10.21 -8.33
C TRP B 107 -2.85 -9.77 -8.02
N GLN B 108 -3.79 -10.06 -8.93
CA GLN B 108 -5.19 -9.69 -8.71
C GLN B 108 -5.71 -10.21 -7.38
N GLN B 109 -5.50 -11.51 -7.09
CA GLN B 109 -6.03 -12.09 -5.86
C GLN B 109 -5.30 -11.57 -4.64
N THR B 110 -4.00 -11.35 -4.75
CA THR B 110 -3.27 -10.79 -3.62
C THR B 110 -3.90 -9.48 -3.17
N PHE B 111 -4.19 -8.59 -4.11
CA PHE B 111 -4.81 -7.32 -3.74
C PHE B 111 -6.29 -7.48 -3.42
N ALA B 112 -7.04 -8.30 -4.18
CA ALA B 112 -8.46 -8.44 -3.91
C ALA B 112 -8.74 -8.94 -2.48
N VAL B 113 -7.91 -9.87 -1.97
CA VAL B 113 -8.11 -10.37 -0.61
C VAL B 113 -7.47 -9.43 0.42
N ASN B 114 -6.19 -9.08 0.22
CA ASN B 114 -5.41 -8.45 1.29
C ASN B 114 -5.81 -7.00 1.54
N VAL B 115 -6.28 -6.29 0.51
CA VAL B 115 -6.78 -4.92 0.64
C VAL B 115 -8.29 -4.88 0.47
N GLY B 116 -8.80 -5.49 -0.61
CA GLY B 116 -10.22 -5.39 -0.87
C GLY B 116 -11.07 -5.98 0.24
N GLY B 117 -10.58 -7.02 0.90
CA GLY B 117 -11.27 -7.68 1.99
C GLY B 117 -11.65 -6.70 3.09
N ALA B 118 -10.64 -6.08 3.70
CA ALA B 118 -10.93 -5.06 4.72
C ALA B 118 -11.73 -3.90 4.17
N PHE B 119 -11.45 -3.49 2.92
CA PHE B 119 -12.23 -2.42 2.29
C PHE B 119 -13.72 -2.76 2.35
N ASN B 120 -14.10 -3.97 1.94
CA ASN B 120 -15.51 -4.36 2.00
C ASN B 120 -16.01 -4.34 3.45
N LEU B 121 -15.29 -5.01 4.37
CA LEU B 121 -15.66 -4.92 5.79
C LEU B 121 -15.85 -3.47 6.21
N PHE B 122 -14.89 -2.59 5.89
CA PHE B 122 -15.03 -1.21 6.31
C PHE B 122 -16.28 -0.59 5.71
N GLN B 123 -16.58 -0.91 4.45
CA GLN B 123 -17.74 -0.31 3.79
C GLN B 123 -19.03 -0.70 4.50
N GLN B 124 -19.11 -1.94 4.99
CA GLN B 124 -20.34 -2.44 5.59
C GLN B 124 -20.47 -2.13 7.08
N THR B 125 -19.38 -1.81 7.78
CA THR B 125 -19.45 -1.64 9.23
C THR B 125 -19.24 -0.20 9.72
N MET B 126 -18.80 0.71 8.87
CA MET B 126 -18.46 2.04 9.38
C MET B 126 -19.70 2.77 9.90
N ALA B 127 -20.85 2.61 9.25
CA ALA B 127 -22.05 3.25 9.74
C ALA B 127 -22.43 2.72 11.13
N GLN B 128 -22.27 1.42 11.36
CA GLN B 128 -22.47 0.86 12.69
C GLN B 128 -21.48 1.44 13.71
N PHE B 129 -20.22 1.63 13.31
CA PHE B 129 -19.26 2.23 14.25
C PHE B 129 -19.58 3.72 14.55
N ARG B 130 -20.14 4.47 13.57
CA ARG B 130 -20.45 5.88 13.80
C ARG B 130 -21.67 6.04 14.71
N ARG B 131 -22.72 5.26 14.42
CA ARG B 131 -23.94 5.23 15.22
C ARG B 131 -23.67 4.98 16.70
N GLN B 132 -22.79 4.03 17.02
CA GLN B 132 -22.63 3.58 18.39
C GLN B 132 -21.60 4.39 19.16
N ARG B 133 -20.79 5.20 18.48
CA ARG B 133 -19.84 6.11 19.12
C ARG B 133 -18.79 5.37 19.97
N GLY B 134 -18.30 4.25 19.46
CA GLY B 134 -17.13 3.67 20.06
C GLY B 134 -16.83 2.33 19.45
N GLY B 135 -16.05 1.56 20.18
CA GLY B 135 -15.56 0.28 19.71
C GLY B 135 -14.13 0.40 19.23
N ALA B 136 -13.62 -0.72 18.78
CA ALA B 136 -12.23 -0.79 18.37
C ALA B 136 -12.13 -1.66 17.13
N ILE B 137 -11.17 -1.33 16.29
CA ILE B 137 -10.82 -2.14 15.15
C ILE B 137 -9.35 -2.49 15.27
N VAL B 138 -8.99 -3.70 14.84
CA VAL B 138 -7.60 -4.09 14.71
C VAL B 138 -7.40 -4.83 13.39
N THR B 139 -6.47 -4.36 12.58
CA THR B 139 -6.17 -4.95 11.29
C THR B 139 -4.78 -5.56 11.29
N VAL B 140 -4.69 -6.81 10.81
CA VAL B 140 -3.42 -7.52 10.77
C VAL B 140 -2.76 -7.18 9.42
N ALA B 141 -1.69 -6.37 9.46
CA ALA B 141 -0.86 -6.11 8.28
C ALA B 141 0.26 -7.15 8.19
N SER B 142 1.52 -6.73 8.33
CA SER B 142 2.66 -7.64 8.22
C SER B 142 3.98 -6.87 8.24
N ASP B 143 5.08 -7.52 8.63
CA ASP B 143 6.35 -6.80 8.64
C ASP B 143 6.80 -6.41 7.24
N ALA B 144 6.20 -6.98 6.21
CA ALA B 144 6.64 -6.74 4.84
C ALA B 144 5.99 -5.52 4.25
N ALA B 145 4.92 -5.01 4.87
CA ALA B 145 4.54 -3.63 4.65
C ALA B 145 5.49 -2.65 5.32
N HIS B 146 6.42 -3.14 6.14
CA HIS B 146 7.32 -2.23 6.83
C HIS B 146 8.70 -2.15 6.20
N THR B 147 9.04 -3.08 5.32
CA THR B 147 10.39 -3.26 4.81
C THR B 147 10.27 -4.04 3.52
N PRO B 148 11.10 -3.77 2.52
CA PRO B 148 11.03 -4.53 1.27
C PRO B 148 11.57 -5.94 1.47
N ARG B 149 10.84 -6.92 0.92
CA ARG B 149 11.21 -8.33 1.03
C ARG B 149 11.35 -8.94 -0.35
N ILE B 150 12.56 -9.40 -0.65
CA ILE B 150 12.77 -10.17 -1.86
C ILE B 150 11.71 -11.25 -1.98
N GLY B 151 11.10 -11.37 -3.14
CA GLY B 151 10.13 -12.41 -3.36
C GLY B 151 8.75 -12.15 -2.79
N MET B 152 8.54 -11.04 -2.09
CA MET B 152 7.22 -10.67 -1.58
C MET B 152 6.79 -9.28 -2.05
N SER B 153 7.19 -8.87 -3.23
CA SER B 153 6.89 -7.53 -3.68
C SER B 153 5.39 -7.26 -3.60
N ALA B 154 4.57 -8.12 -4.20
CA ALA B 154 3.14 -7.85 -4.23
C ALA B 154 2.53 -8.05 -2.84
N TYR B 155 3.00 -9.05 -2.12
CA TYR B 155 2.46 -9.27 -0.80
C TYR B 155 2.71 -8.05 0.07
N GLY B 156 3.96 -7.60 0.13
CA GLY B 156 4.25 -6.45 0.96
C GLY B 156 3.50 -5.21 0.52
N ALA B 157 3.35 -5.01 -0.80
CA ALA B 157 2.63 -3.84 -1.28
C ALA B 157 1.17 -3.90 -0.88
N SER B 158 0.53 -5.07 -0.98
CA SER B 158 -0.86 -5.16 -0.55
C SER B 158 -0.99 -4.91 0.95
N LYS B 159 -0.02 -5.35 1.73
CA LYS B 159 -0.12 -5.10 3.15
C LYS B 159 0.14 -3.63 3.50
N ALA B 160 1.03 -2.96 2.77
CA ALA B 160 1.19 -1.52 2.96
C ALA B 160 -0.09 -0.76 2.60
N ALA B 161 -0.74 -1.09 1.48
CA ALA B 161 -2.05 -0.49 1.18
C ALA B 161 -3.07 -0.79 2.28
N LEU B 162 -3.12 -2.04 2.77
CA LEU B 162 -4.04 -2.36 3.86
C LEU B 162 -3.78 -1.43 5.05
N LYS B 163 -2.51 -1.19 5.37
CA LYS B 163 -2.21 -0.33 6.51
C LYS B 163 -2.72 1.08 6.28
N SER B 164 -2.39 1.67 5.11
CA SER B 164 -2.80 3.05 4.85
C SER B 164 -4.32 3.17 4.87
N LEU B 165 -4.99 2.18 4.29
CA LEU B 165 -6.45 2.17 4.33
C LEU B 165 -6.94 2.19 5.77
N ALA B 166 -6.47 1.24 6.59
CA ALA B 166 -6.94 1.12 7.98
C ALA B 166 -6.64 2.38 8.78
N LEU B 167 -5.50 3.03 8.52
CA LEU B 167 -5.18 4.26 9.25
C LEU B 167 -6.14 5.38 8.86
N THR B 168 -6.41 5.54 7.57
CA THR B 168 -7.30 6.62 7.16
C THR B 168 -8.72 6.34 7.62
N VAL B 169 -9.11 5.06 7.67
CA VAL B 169 -10.40 4.73 8.27
C VAL B 169 -10.41 5.11 9.74
N GLY B 170 -9.30 4.84 10.44
CA GLY B 170 -9.19 5.27 11.83
C GLY B 170 -9.35 6.78 12.01
N LEU B 171 -8.72 7.56 11.14
CA LEU B 171 -8.94 9.00 11.19
C LEU B 171 -10.41 9.32 10.90
N GLU B 172 -11.00 8.65 9.91
CA GLU B 172 -12.39 8.92 9.57
C GLU B 172 -13.31 8.71 10.77
N LEU B 173 -13.10 7.62 11.54
CA LEU B 173 -13.96 7.23 12.66
C LEU B 173 -13.54 7.80 14.01
N ALA B 174 -12.34 8.38 14.11
CA ALA B 174 -11.90 8.97 15.39
C ALA B 174 -12.89 9.98 15.94
N GLY B 175 -13.59 10.69 15.08
CA GLY B 175 -14.56 11.65 15.57
C GLY B 175 -15.69 10.98 16.29
N SER B 176 -15.92 9.70 16.00
CA SER B 176 -16.95 8.90 16.64
C SER B 176 -16.44 8.15 17.85
N GLY B 177 -15.20 8.35 18.24
CA GLY B 177 -14.68 7.68 19.42
C GLY B 177 -14.10 6.31 19.17
N VAL B 178 -13.94 5.89 17.95
CA VAL B 178 -13.48 4.56 17.58
C VAL B 178 -11.97 4.54 17.55
N ARG B 179 -11.37 3.51 18.12
CA ARG B 179 -9.93 3.29 18.02
C ARG B 179 -9.62 2.27 16.93
N CYS B 180 -8.55 2.51 16.18
CA CYS B 180 -8.25 1.76 14.96
C CYS B 180 -6.74 1.60 14.91
N ASN B 181 -6.28 0.37 15.09
CA ASN B 181 -4.86 0.10 15.15
C ASN B 181 -4.54 -1.14 14.34
N LEU B 182 -3.26 -1.43 14.22
CA LEU B 182 -2.82 -2.62 13.52
C LEU B 182 -1.77 -3.36 14.32
N VAL B 183 -1.58 -4.62 13.95
CA VAL B 183 -0.41 -5.41 14.32
C VAL B 183 0.25 -5.85 13.03
N SER B 184 1.56 -5.90 13.03
CA SER B 184 2.33 -6.34 11.87
C SER B 184 3.21 -7.50 12.29
N PRO B 185 2.74 -8.75 12.16
CA PRO B 185 3.55 -9.90 12.53
C PRO B 185 4.77 -10.09 11.64
N GLY B 186 5.86 -10.51 12.26
CA GLY B 186 6.92 -11.19 11.56
C GLY B 186 6.56 -12.64 11.41
N SER B 187 7.57 -13.45 11.14
CA SER B 187 7.36 -14.85 10.82
C SER B 187 6.64 -15.55 11.97
N THR B 188 5.58 -16.28 11.65
CA THR B 188 4.74 -16.90 12.67
C THR B 188 4.61 -18.40 12.43
N ASP B 189 4.63 -19.17 13.50
CA ASP B 189 4.51 -20.63 13.42
C ASP B 189 3.04 -21.01 13.21
N THR B 190 2.64 -21.11 11.95
CA THR B 190 1.30 -21.52 11.55
C THR B 190 1.43 -22.62 10.51
N ASP B 191 0.30 -23.23 10.13
CA ASP B 191 0.32 -24.27 9.11
C ASP B 191 0.39 -23.71 7.69
N MET B 192 0.20 -22.40 7.51
CA MET B 192 0.52 -21.76 6.23
C MET B 192 2.03 -21.67 6.02
N GLN B 193 2.78 -21.32 7.08
CA GLN B 193 4.23 -21.14 6.98
C GLN B 193 5.00 -22.45 7.11
N ARG B 194 4.54 -23.39 7.94
CA ARG B 194 5.29 -24.63 8.13
C ARG B 194 5.41 -25.41 6.84
N THR B 195 4.39 -25.33 5.97
CA THR B 195 4.38 -26.09 4.73
C THR B 195 5.08 -25.33 3.59
N LEU B 196 4.92 -24.01 3.52
CA LEU B 196 5.60 -23.22 2.48
C LEU B 196 7.10 -23.07 2.74
N TRP B 197 7.58 -23.55 3.89
CA TRP B 197 9.00 -23.51 4.22
C TRP B 197 9.74 -24.77 3.78
N VAL B 198 9.07 -25.92 3.86
CA VAL B 198 9.59 -27.23 3.49
C VAL B 198 11.06 -27.38 3.86
N ASN B 199 11.97 -26.73 3.13
CA ASN B 199 13.41 -26.83 3.37
C ASN B 199 13.71 -27.06 4.85
N GLU B 200 14.38 -28.17 5.16
CA GLU B 200 14.60 -28.58 6.55
C GLU B 200 15.12 -27.42 7.41
N ASP B 201 14.47 -27.23 8.55
CA ASP B 201 14.77 -26.13 9.48
C ASP B 201 14.82 -24.80 8.74
N ALA B 202 13.69 -24.47 8.09
CA ALA B 202 13.52 -23.14 7.55
C ALA B 202 13.17 -22.15 8.65
N GLU B 203 12.65 -22.66 9.77
CA GLU B 203 12.52 -21.84 10.97
C GLU B 203 13.89 -21.32 11.41
N GLN B 204 14.88 -22.21 11.51
CA GLN B 204 16.22 -21.78 11.92
C GLN B 204 16.85 -20.85 10.88
N GLN B 205 16.61 -21.12 9.59
CA GLN B 205 17.06 -20.22 8.53
C GLN B 205 16.52 -18.81 8.79
N ARG B 206 15.22 -18.72 9.07
CA ARG B 206 14.57 -17.44 9.29
C ARG B 206 15.19 -16.71 10.47
N ILE B 207 15.35 -17.39 11.60
CA ILE B 207 15.90 -16.74 12.80
C ILE B 207 17.28 -16.16 12.53
N ARG B 208 18.09 -16.85 11.73
CA ARG B 208 19.44 -16.35 11.41
C ARG B 208 19.41 -15.19 10.43
N GLY B 209 18.46 -15.15 9.52
CA GLY B 209 18.44 -14.15 8.47
C GLY B 209 19.21 -14.65 7.25
N PHE B 210 19.09 -13.90 6.16
CA PHE B 210 19.71 -14.26 4.86
C PHE B 210 20.36 -12.97 4.36
N GLY B 211 21.64 -12.79 4.69
CA GLY B 211 22.30 -11.54 4.33
C GLY B 211 22.31 -11.25 2.83
N GLU B 212 22.36 -12.31 2.01
CA GLU B 212 22.42 -12.12 0.56
C GLU B 212 21.17 -11.46 0.04
N GLN B 213 20.02 -11.74 0.66
CA GLN B 213 18.77 -11.13 0.24
C GLN B 213 18.38 -9.94 1.11
N PHE B 214 19.34 -9.44 1.91
CA PHE B 214 19.13 -8.28 2.81
C PHE B 214 17.91 -8.50 3.71
N LYS B 215 17.81 -9.71 4.25
CA LYS B 215 16.79 -10.10 5.21
C LYS B 215 17.47 -10.33 6.54
N LEU B 216 17.15 -9.48 7.51
CA LEU B 216 17.71 -9.60 8.86
C LEU B 216 17.15 -10.80 9.57
N GLY B 217 17.94 -11.36 10.48
CA GLY B 217 17.47 -12.37 11.39
C GLY B 217 16.59 -11.75 12.50
N ILE B 218 16.36 -12.56 13.54
CA ILE B 218 15.45 -12.14 14.61
C ILE B 218 16.24 -11.97 15.91
N PRO B 219 16.40 -10.75 16.43
CA PRO B 219 17.26 -10.61 17.62
C PRO B 219 16.80 -11.45 18.81
N LEU B 220 15.48 -11.62 19.02
CA LEU B 220 15.00 -12.46 20.12
C LEU B 220 15.15 -13.96 19.83
N GLY B 221 15.65 -14.35 18.64
CA GLY B 221 16.05 -15.72 18.41
C GLY B 221 14.93 -16.73 18.31
N LYS B 222 13.74 -16.31 17.89
CA LYS B 222 12.59 -17.21 17.82
C LYS B 222 11.57 -16.58 16.88
N ILE B 223 10.70 -17.40 16.29
CA ILE B 223 9.60 -16.85 15.50
C ILE B 223 8.38 -16.73 16.42
N ALA B 224 7.30 -16.13 15.94
CA ALA B 224 6.16 -15.92 16.80
C ALA B 224 5.29 -17.17 16.89
N ARG B 225 4.70 -17.39 18.10
CA ARG B 225 3.53 -18.25 18.21
C ARG B 225 2.30 -17.41 17.88
N PRO B 226 1.29 -18.03 17.26
CA PRO B 226 0.08 -17.24 16.98
C PRO B 226 -0.53 -16.57 18.19
N GLN B 227 -0.43 -17.14 19.39
N GLN B 227 -0.41 -17.16 19.38
CA GLN B 227 -1.05 -16.48 20.54
CA GLN B 227 -0.97 -16.56 20.58
C GLN B 227 -0.30 -15.23 20.96
C GLN B 227 -0.31 -15.22 20.91
N GLU B 228 0.98 -15.07 20.57
CA GLU B 228 1.68 -13.82 20.84
C GLU B 228 1.15 -12.71 19.96
N ILE B 229 0.77 -13.03 18.74
CA ILE B 229 0.09 -12.05 17.92
C ILE B 229 -1.30 -11.77 18.48
N ALA B 230 -2.03 -12.81 18.89
CA ALA B 230 -3.39 -12.65 19.40
C ALA B 230 -3.41 -11.77 20.64
N ASN B 231 -2.46 -11.98 21.56
CA ASN B 231 -2.42 -11.20 22.78
C ASN B 231 -2.21 -9.74 22.48
N THR B 232 -1.39 -9.44 21.46
CA THR B 232 -1.19 -8.05 21.09
C THR B 232 -2.46 -7.49 20.51
N ILE B 233 -3.23 -8.30 19.76
CA ILE B 233 -4.47 -7.78 19.21
C ILE B 233 -5.48 -7.49 20.32
N LEU B 234 -5.59 -8.40 21.31
CA LEU B 234 -6.50 -8.18 22.42
C LEU B 234 -6.13 -6.91 23.22
N PHE B 235 -4.85 -6.66 23.44
CA PHE B 235 -4.47 -5.42 24.10
C PHE B 235 -5.04 -4.20 23.35
N LEU B 236 -4.74 -4.11 22.04
CA LEU B 236 -5.25 -2.99 21.25
C LEU B 236 -6.79 -2.96 21.22
N ALA B 237 -7.47 -4.10 21.29
CA ALA B 237 -8.92 -4.00 21.32
C ALA B 237 -9.46 -3.65 22.70
N SER B 238 -8.60 -3.63 23.72
CA SER B 238 -9.05 -3.50 25.09
C SER B 238 -9.07 -2.05 25.55
N SER B 239 -9.74 -1.85 26.67
CA SER B 239 -9.82 -0.55 27.33
C SER B 239 -8.50 -0.12 27.96
N HIS B 240 -7.52 -1.01 28.13
CA HIS B 240 -6.19 -0.58 28.53
C HIS B 240 -5.50 0.26 27.45
N ALA B 241 -5.94 0.11 26.20
CA ALA B 241 -5.37 0.81 25.06
C ALA B 241 -6.23 2.02 24.70
N SER B 242 -6.92 2.59 25.70
CA SER B 242 -7.99 3.56 25.42
C SER B 242 -7.49 4.91 24.92
N HIS B 243 -6.19 5.21 24.99
CA HIS B 243 -5.66 6.42 24.39
C HIS B 243 -4.79 6.11 23.17
N ILE B 244 -4.88 4.88 22.66
CA ILE B 244 -4.07 4.43 21.54
C ILE B 244 -4.96 4.29 20.31
N THR B 245 -4.67 5.09 19.28
CA THR B 245 -5.25 4.90 17.96
C THR B 245 -4.26 5.34 16.88
N LEU B 246 -4.43 4.76 15.68
CA LEU B 246 -3.55 4.94 14.52
C LEU B 246 -2.17 4.35 14.72
N GLN B 247 -2.01 3.38 15.61
CA GLN B 247 -0.73 2.76 15.84
C GLN B 247 -0.64 1.41 15.13
N ASP B 248 0.61 0.97 14.92
CA ASP B 248 0.91 -0.29 14.28
C ASP B 248 2.04 -0.97 15.05
N ILE B 249 1.72 -2.00 15.84
CA ILE B 249 2.72 -2.70 16.62
C ILE B 249 3.31 -3.82 15.78
N VAL B 250 4.60 -3.74 15.49
CA VAL B 250 5.31 -4.83 14.84
C VAL B 250 5.61 -5.89 15.88
N VAL B 251 5.15 -7.11 15.63
CA VAL B 251 5.33 -8.24 16.57
C VAL B 251 6.21 -9.24 15.85
N ASP B 252 7.53 -9.08 16.01
CA ASP B 252 8.46 -9.79 15.12
C ASP B 252 9.82 -10.01 15.78
N GLY B 253 9.89 -9.97 17.11
CA GLY B 253 11.12 -10.21 17.83
C GLY B 253 12.22 -9.23 17.47
N GLY B 254 11.86 -8.10 16.90
CA GLY B 254 12.83 -7.07 16.63
C GLY B 254 13.45 -7.12 15.25
N SER B 255 12.92 -7.97 14.35
CA SER B 255 13.60 -8.30 13.11
C SER B 255 13.77 -7.09 12.19
N THR B 256 12.86 -6.11 12.24
CA THR B 256 12.99 -4.91 11.43
C THR B 256 13.68 -3.79 12.18
N LEU B 257 14.21 -4.07 13.38
CA LEU B 257 14.98 -3.11 14.15
C LEU B 257 14.20 -1.82 14.42
N GLY B 258 12.89 -1.96 14.64
CA GLY B 258 12.04 -0.83 14.97
C GLY B 258 11.38 -0.18 13.77
N ALA B 259 11.83 -0.45 12.56
CA ALA B 259 11.12 0.02 11.36
C ALA B 259 9.73 -0.62 11.25
CL CL C . 1.53 -2.23 -30.14
S SO4 D . -0.64 15.09 -11.61
O1 SO4 D . 0.19 16.31 -11.77
O2 SO4 D . 0.29 13.91 -11.68
O3 SO4 D . -1.63 14.94 -12.74
O4 SO4 D . -1.29 15.20 -10.23
S SO4 E . 23.54 6.12 -12.17
O1 SO4 E . 24.92 6.69 -12.04
O2 SO4 E . 23.18 5.30 -10.95
O3 SO4 E . 22.57 7.26 -12.33
O4 SO4 E . 23.42 5.17 -13.37
S SO4 F . -8.41 11.50 -14.35
O1 SO4 F . -8.09 11.76 -12.89
O2 SO4 F . -7.31 10.67 -14.97
O3 SO4 F . -9.73 10.77 -14.48
O4 SO4 F . -8.51 12.80 -15.10
S SO4 G . -0.91 21.40 -15.78
O1 SO4 G . 0.46 21.13 -15.22
O2 SO4 G . -1.85 21.92 -14.72
O3 SO4 G . -1.47 20.12 -16.33
O4 SO4 G . -0.80 22.46 -16.83
S SO4 H . -21.07 0.62 -6.50
O1 SO4 H . -20.22 0.43 -5.29
O2 SO4 H . -20.19 0.88 -7.69
O3 SO4 H . -21.99 1.78 -6.29
O4 SO4 H . -21.88 -0.62 -6.75
CL CL I . 8.88 -13.94 6.50
S SO4 J . -2.02 -16.75 8.97
O1 SO4 J . -1.19 -17.17 10.13
O2 SO4 J . -1.14 -16.03 8.00
O3 SO4 J . -3.03 -15.80 9.51
O4 SO4 J . -2.62 -17.97 8.29
S SO4 K . -12.46 1.55 24.28
O1 SO4 K . -11.75 1.57 25.60
O2 SO4 K . -12.19 0.25 23.53
O3 SO4 K . -13.94 1.70 24.54
O4 SO4 K . -11.92 2.70 23.46
S SO4 L . 23.94 -14.52 6.54
O1 SO4 L . 23.44 -14.06 7.90
O2 SO4 L . 25.09 -15.46 6.72
O3 SO4 L . 22.84 -15.24 5.81
O4 SO4 L . 24.43 -13.34 5.74
S SO4 M . -3.90 -19.42 0.40
O1 SO4 M . -3.45 -18.91 1.75
O2 SO4 M . -3.56 -20.87 0.27
O3 SO4 M . -5.40 -19.27 0.30
O4 SO4 M . -3.22 -18.64 -0.72
S SO4 N . -28.43 6.22 10.76
O1 SO4 N . -27.57 7.45 10.90
O2 SO4 N . -27.58 4.99 10.88
O3 SO4 N . -29.50 6.25 11.84
O4 SO4 N . -29.07 6.18 9.40
S SO4 O . -2.68 -23.28 12.48
O1 SO4 O . -1.82 -22.53 13.46
O2 SO4 O . -2.14 -24.67 12.32
O3 SO4 O . -4.09 -23.27 12.97
O4 SO4 O . -2.64 -22.62 11.13
#